data_4NJG
#
_entry.id   4NJG
#
_cell.length_a   118.956
_cell.length_b   118.956
_cell.length_c   101.952
_cell.angle_alpha   90.00
_cell.angle_beta   90.00
_cell.angle_gamma   90.00
#
_symmetry.space_group_name_H-M   'P 43 21 2'
#
loop_
_entity.id
_entity.type
_entity.pdbx_description
1 polymer '7-carboxy-7-deazaguanine synthase'
2 non-polymer 'IRON/SULFUR CLUSTER'
3 non-polymer S-ADENOSYLMETHIONINE
4 non-polymer 6-CARBOXYPTERIN
5 water water
#
_entity_poly.entity_id   1
_entity_poly.type   'polypeptide(L)'
_entity_poly.pdbx_seq_one_letter_code
;MGSSHHHHHHSSGLVPRGSHMTYAVKEIFYTLQGEGANAGRPAVFCRFAGCNLWSGREEDRAQAVCRFCDTDFVGTDGEN
GGKFKDADALVATIAGLWPAGEAHRFVVCTGGEPMLQLDQPLVDALHAAGFGIAIETNGSLPVLESIDWICVSPKADAPL
VVTKGNELKVVIPQDNQRLADYAKLDFEYFLVQPMDGPSRDLNTKLAIDWCKRHPQWRLSMQTHKYLNIP
;
_entity_poly.pdbx_strand_id   A,B
#
loop_
_chem_comp.id
_chem_comp.type
_chem_comp.name
_chem_comp.formula
HHS non-polymer 6-CARBOXYPTERIN 'C7 H5 N5 O3'
SAM non-polymer S-ADENOSYLMETHIONINE 'C15 H22 N6 O5 S'
SF4 non-polymer 'IRON/SULFUR CLUSTER' 'Fe4 S4'
#
# COMPACT_ATOMS: atom_id res chain seq x y z
N THR A 22 26.76 19.62 9.77
CA THR A 22 27.21 18.24 9.88
C THR A 22 26.05 17.31 10.23
N TYR A 23 26.01 16.14 9.58
CA TYR A 23 24.92 15.20 9.78
C TYR A 23 25.41 13.88 10.38
N ALA A 24 24.69 13.40 11.39
CA ALA A 24 24.99 12.11 12.00
C ALA A 24 23.97 11.07 11.58
N VAL A 25 24.39 10.14 10.73
CA VAL A 25 23.48 9.15 10.18
C VAL A 25 23.77 7.73 10.68
N LYS A 26 22.74 7.07 11.20
CA LYS A 26 22.86 5.71 11.69
C LYS A 26 23.15 4.72 10.56
N GLU A 27 22.29 4.70 9.56
CA GLU A 27 22.44 3.78 8.44
C GLU A 27 21.74 4.30 7.19
N ILE A 28 22.29 3.94 6.03
CA ILE A 28 21.68 4.27 4.75
C ILE A 28 21.59 3.03 3.87
N PHE A 29 20.37 2.62 3.55
CA PHE A 29 20.18 1.39 2.77
C PHE A 29 19.07 1.54 1.74
N TYR A 30 19.21 0.78 0.64
CA TYR A 30 18.26 0.83 -0.47
C TYR A 30 17.38 -0.42 -0.46
N THR A 31 16.07 -0.21 -0.40
CA THR A 31 15.11 -1.31 -0.33
C THR A 31 13.75 -0.86 -0.82
N LEU A 32 12.73 -1.67 -0.57
CA LEU A 32 11.35 -1.27 -0.82
C LEU A 32 10.72 -0.79 0.47
N GLN A 33 9.93 0.28 0.39
CA GLN A 33 9.20 0.78 1.56
C GLN A 33 8.29 -0.31 2.10
N GLY A 34 8.44 -0.62 3.38
CA GLY A 34 7.70 -1.71 3.99
C GLY A 34 6.32 -1.33 4.48
N GLU A 35 6.16 -0.07 4.86
CA GLU A 35 4.91 0.37 5.48
C GLU A 35 4.42 1.70 4.94
N GLY A 36 3.20 2.07 5.32
CA GLY A 36 2.64 3.36 4.95
C GLY A 36 1.92 3.37 3.63
N ALA A 37 1.56 4.56 3.16
CA ALA A 37 0.80 4.71 1.92
C ALA A 37 1.61 4.31 0.70
N ASN A 38 2.94 4.34 0.82
CA ASN A 38 3.80 4.01 -0.30
C ASN A 38 4.55 2.70 -0.12
N ALA A 39 3.90 1.74 0.51
CA ALA A 39 4.49 0.42 0.70
C ALA A 39 4.76 -0.25 -0.65
N GLY A 40 5.94 -0.81 -0.81
CA GLY A 40 6.31 -1.50 -2.03
C GLY A 40 7.14 -0.64 -2.97
N ARG A 41 7.15 0.67 -2.72
CA ARG A 41 7.90 1.60 -3.55
C ARG A 41 9.39 1.55 -3.24
N PRO A 42 10.23 1.38 -4.27
CA PRO A 42 11.67 1.38 -4.10
C PRO A 42 12.17 2.72 -3.58
N ALA A 43 13.06 2.70 -2.60
CA ALA A 43 13.57 3.92 -2.01
C ALA A 43 14.86 3.70 -1.23
N VAL A 44 15.64 4.76 -1.11
CA VAL A 44 16.80 4.76 -0.23
C VAL A 44 16.38 5.28 1.13
N PHE A 45 16.63 4.49 2.17
CA PHE A 45 16.31 4.91 3.52
C PHE A 45 17.50 5.56 4.20
N CYS A 46 17.36 6.83 4.56
CA CYS A 46 18.39 7.54 5.31
C CYS A 46 17.97 7.65 6.77
N ARG A 47 18.51 6.77 7.60
CA ARG A 47 18.14 6.72 9.01
C ARG A 47 19.07 7.58 9.85
N PHE A 48 18.63 8.80 10.16
CA PHE A 48 19.39 9.71 11.00
C PHE A 48 19.52 9.17 12.42
N ALA A 49 20.65 9.46 13.06
CA ALA A 49 20.87 9.03 14.43
C ALA A 49 20.24 10.01 15.41
N GLY A 50 19.82 9.50 16.57
CA GLY A 50 19.29 10.34 17.62
C GLY A 50 17.80 10.63 17.52
N CYS A 51 17.15 10.76 18.67
CA CYS A 51 15.73 11.11 18.73
C CYS A 51 15.47 12.05 19.91
N ASN A 52 14.34 12.75 19.88
CA ASN A 52 14.02 13.71 20.93
C ASN A 52 12.98 13.19 21.92
N LEU A 53 12.42 12.02 21.64
CA LEU A 53 11.41 11.44 22.53
C LEU A 53 11.97 10.23 23.29
N TRP A 54 13.15 9.77 22.88
CA TRP A 54 13.83 8.66 23.53
C TRP A 54 15.31 8.64 23.16
N SER A 55 16.16 8.38 24.15
CA SER A 55 17.60 8.42 23.96
C SER A 55 18.10 7.23 23.14
N GLY A 56 17.36 6.14 23.16
CA GLY A 56 17.76 4.93 22.46
C GLY A 56 18.32 3.90 23.41
N ARG A 57 18.61 4.33 24.63
CA ARG A 57 19.09 3.42 25.67
C ARG A 57 17.92 2.64 26.27
N GLU A 58 18.13 1.35 26.49
CA GLU A 58 17.09 0.50 27.08
C GLU A 58 16.78 0.93 28.50
N GLU A 59 17.78 1.49 29.18
CA GLU A 59 17.62 1.96 30.55
C GLU A 59 16.70 3.18 30.62
N ASP A 60 16.50 3.84 29.49
CA ASP A 60 15.71 5.06 29.45
C ASP A 60 14.31 4.84 28.86
N ARG A 61 14.08 3.65 28.32
CA ARG A 61 12.82 3.33 27.65
C ARG A 61 11.62 3.43 28.60
N ALA A 62 11.75 2.85 29.78
CA ALA A 62 10.65 2.78 30.73
C ALA A 62 10.16 4.15 31.20
N GLN A 63 11.01 5.16 31.05
CA GLN A 63 10.68 6.51 31.51
C GLN A 63 10.58 7.49 30.34
N ALA A 64 10.66 6.97 29.12
CA ALA A 64 10.66 7.83 27.93
C ALA A 64 9.27 8.29 27.54
N VAL A 65 9.21 9.33 26.72
CA VAL A 65 7.96 9.81 26.16
C VAL A 65 7.43 8.79 25.16
N CYS A 66 8.31 8.32 24.28
CA CYS A 66 7.99 7.26 23.34
C CYS A 66 8.68 5.96 23.78
N ARG A 67 7.89 4.95 24.13
CA ARG A 67 8.44 3.76 24.77
C ARG A 67 8.30 2.47 23.97
N PHE A 68 7.78 2.56 22.75
CA PHE A 68 7.52 1.34 21.97
C PHE A 68 8.40 1.20 20.74
N CYS A 69 9.43 2.04 20.62
CA CYS A 69 10.30 2.03 19.46
C CYS A 69 11.03 0.70 19.30
N ASP A 70 11.05 0.18 18.07
CA ASP A 70 11.73 -1.08 17.78
C ASP A 70 12.88 -0.86 16.81
N THR A 71 13.41 0.35 16.80
CA THR A 71 14.46 0.73 15.84
C THR A 71 15.76 1.11 16.55
N ASP A 72 16.88 0.63 16.02
CA ASP A 72 18.19 1.03 16.48
C ASP A 72 18.61 2.32 15.77
N PHE A 73 18.74 3.41 16.52
CA PHE A 73 19.17 4.67 15.95
C PHE A 73 20.30 5.29 16.76
N VAL A 74 20.97 4.48 17.56
CA VAL A 74 22.06 4.96 18.40
C VAL A 74 23.42 4.79 17.70
N GLY A 75 24.10 5.90 17.48
CA GLY A 75 25.42 5.87 16.87
C GLY A 75 25.38 5.97 15.36
N THR A 76 26.55 5.80 14.74
CA THR A 76 26.68 5.90 13.29
C THR A 76 27.44 4.68 12.75
N ASP A 77 27.20 3.53 13.35
CA ASP A 77 27.96 2.32 13.03
C ASP A 77 27.23 1.39 12.07
N GLY A 78 26.07 1.81 11.59
CA GLY A 78 25.27 1.00 10.68
C GLY A 78 25.81 1.01 9.27
N GLU A 79 25.11 0.32 8.37
CA GLU A 79 25.50 0.25 6.97
C GLU A 79 25.48 1.64 6.33
N ASN A 80 26.62 2.04 5.76
CA ASN A 80 26.79 3.36 5.15
C ASN A 80 26.59 4.51 6.13
N GLY A 81 26.67 4.20 7.42
CA GLY A 81 26.50 5.21 8.46
C GLY A 81 27.79 5.96 8.75
N GLY A 82 27.66 7.12 9.37
CA GLY A 82 28.82 7.94 9.70
C GLY A 82 28.45 9.40 9.83
N LYS A 83 29.44 10.22 10.17
CA LYS A 83 29.24 11.67 10.23
C LYS A 83 29.53 12.29 8.87
N PHE A 84 28.53 12.96 8.31
CA PHE A 84 28.69 13.61 7.02
C PHE A 84 28.86 15.12 7.22
N LYS A 85 29.96 15.65 6.71
CA LYS A 85 30.34 17.04 6.94
C LYS A 85 29.35 18.02 6.31
N ASP A 86 28.94 17.73 5.07
CA ASP A 86 27.98 18.60 4.38
C ASP A 86 26.93 17.79 3.64
N ALA A 87 26.00 18.49 3.00
CA ALA A 87 24.89 17.86 2.30
C ALA A 87 25.36 17.04 1.09
N ASP A 88 26.30 17.61 0.34
CA ASP A 88 26.80 16.98 -0.88
C ASP A 88 27.41 15.61 -0.61
N ALA A 89 28.13 15.50 0.51
CA ALA A 89 28.74 14.23 0.89
C ALA A 89 27.68 13.19 1.18
N LEU A 90 26.64 13.59 1.91
CA LEU A 90 25.55 12.70 2.26
C LEU A 90 24.75 12.29 1.02
N VAL A 91 24.47 13.27 0.15
CA VAL A 91 23.71 13.01 -1.06
C VAL A 91 24.45 12.06 -2.00
N ALA A 92 25.78 12.20 -2.05
CA ALA A 92 26.60 11.34 -2.89
C ALA A 92 26.46 9.88 -2.49
N THR A 93 26.42 9.62 -1.18
CA THR A 93 26.25 8.27 -0.67
C THR A 93 24.85 7.74 -0.98
N ILE A 94 23.86 8.60 -0.78
CA ILE A 94 22.47 8.24 -1.07
C ILE A 94 22.28 7.91 -2.55
N ALA A 95 22.78 8.79 -3.41
CA ALA A 95 22.67 8.59 -4.85
C ALA A 95 23.45 7.36 -5.30
N GLY A 96 24.54 7.07 -4.60
CA GLY A 96 25.39 5.94 -4.92
C GLY A 96 24.71 4.60 -4.74
N LEU A 97 23.68 4.57 -3.91
CA LEU A 97 22.94 3.34 -3.64
C LEU A 97 21.88 3.07 -4.70
N TRP A 98 21.59 4.07 -5.51
CA TRP A 98 20.56 3.95 -6.53
C TRP A 98 21.08 3.20 -7.75
N PRO A 99 20.28 2.30 -8.31
CA PRO A 99 20.62 1.55 -9.53
C PRO A 99 21.04 2.47 -10.66
N ALA A 100 22.23 2.24 -11.21
CA ALA A 100 22.77 3.09 -12.27
C ALA A 100 21.85 3.11 -13.48
N GLY A 101 21.67 4.28 -14.05
CA GLY A 101 20.85 4.44 -15.25
C GLY A 101 19.36 4.48 -14.99
N GLU A 102 18.96 4.28 -13.74
CA GLU A 102 17.55 4.27 -13.39
C GLU A 102 17.10 5.58 -12.76
N ALA A 103 15.88 6.00 -13.08
CA ALA A 103 15.30 7.21 -12.52
C ALA A 103 14.40 6.85 -11.34
N HIS A 104 13.35 7.66 -11.17
CA HIS A 104 12.37 7.46 -10.08
C HIS A 104 13.06 7.48 -8.71
N ARG A 105 14.12 8.28 -8.60
CA ARG A 105 14.88 8.36 -7.37
C ARG A 105 14.04 8.90 -6.23
N PHE A 106 14.05 8.18 -5.11
CA PHE A 106 13.26 8.54 -3.96
C PHE A 106 13.99 8.19 -2.67
N VAL A 107 13.97 9.12 -1.72
CA VAL A 107 14.63 8.91 -0.44
C VAL A 107 13.65 9.11 0.71
N VAL A 108 13.69 8.21 1.68
CA VAL A 108 12.89 8.36 2.89
C VAL A 108 13.79 8.76 4.05
N CYS A 109 13.62 9.99 4.52
CA CYS A 109 14.38 10.47 5.66
C CYS A 109 13.71 10.06 6.96
N THR A 110 14.39 9.24 7.74
CA THR A 110 13.84 8.73 8.99
C THR A 110 14.90 8.67 10.09
N GLY A 111 14.66 7.84 11.10
CA GLY A 111 15.59 7.70 12.20
C GLY A 111 15.06 6.78 13.29
N GLY A 112 15.04 7.24 14.54
CA GLY A 112 15.46 8.59 14.88
C GLY A 112 14.42 9.64 14.52
N GLU A 113 14.66 10.89 14.93
CA GLU A 113 13.82 11.98 14.46
C GLU A 113 14.60 12.85 13.49
N PRO A 114 14.28 12.71 12.19
CA PRO A 114 15.03 13.36 11.11
C PRO A 114 14.97 14.89 11.15
N MET A 115 13.93 15.46 11.75
CA MET A 115 13.81 16.91 11.82
C MET A 115 14.78 17.52 12.82
N LEU A 116 15.55 16.68 13.50
CA LEU A 116 16.62 17.15 14.37
C LEU A 116 17.87 17.48 13.56
N GLN A 117 17.89 17.06 12.30
CA GLN A 117 19.07 17.25 11.45
C GLN A 117 18.73 17.72 10.04
N LEU A 118 17.65 17.20 9.48
CA LEU A 118 17.26 17.51 8.11
C LEU A 118 16.95 19.00 7.92
N ASP A 119 17.80 19.69 7.18
CA ASP A 119 17.60 21.12 6.92
C ASP A 119 17.33 21.38 5.43
N GLN A 120 17.20 22.66 5.08
CA GLN A 120 16.90 23.07 3.72
C GLN A 120 18.02 22.78 2.70
N PRO A 121 19.31 23.02 3.07
CA PRO A 121 20.36 22.69 2.09
C PRO A 121 20.38 21.22 1.68
N LEU A 122 20.14 20.32 2.63
CA LEU A 122 20.10 18.89 2.31
C LEU A 122 18.93 18.57 1.40
N VAL A 123 17.81 19.25 1.63
CA VAL A 123 16.62 19.09 0.79
C VAL A 123 16.90 19.55 -0.64
N ASP A 124 17.50 20.73 -0.77
CA ASP A 124 17.83 21.28 -2.08
C ASP A 124 18.85 20.43 -2.81
N ALA A 125 19.78 19.85 -2.06
CA ALA A 125 20.81 19.00 -2.63
C ALA A 125 20.23 17.70 -3.17
N LEU A 126 19.29 17.13 -2.41
CA LEU A 126 18.60 15.92 -2.84
C LEU A 126 17.73 16.20 -4.06
N HIS A 127 16.99 17.31 -4.01
CA HIS A 127 16.17 17.73 -5.14
C HIS A 127 17.00 18.00 -6.38
N ALA A 128 18.22 18.51 -6.18
CA ALA A 128 19.13 18.76 -7.28
C ALA A 128 19.68 17.45 -7.84
N ALA A 129 19.70 16.42 -7.00
CA ALA A 129 20.20 15.11 -7.40
C ALA A 129 19.08 14.28 -8.03
N GLY A 130 17.91 14.89 -8.21
CA GLY A 130 16.78 14.22 -8.83
C GLY A 130 16.04 13.29 -7.88
N PHE A 131 16.20 13.53 -6.59
CA PHE A 131 15.56 12.70 -5.57
C PHE A 131 14.26 13.29 -5.05
N GLY A 132 13.22 12.47 -5.00
CA GLY A 132 11.99 12.83 -4.31
C GLY A 132 12.19 12.55 -2.83
N ILE A 133 11.67 13.42 -1.98
CA ILE A 133 11.94 13.32 -0.56
C ILE A 133 10.69 13.04 0.28
N ALA A 134 10.72 11.96 1.04
CA ALA A 134 9.69 11.69 2.03
C ALA A 134 10.29 11.75 3.43
N ILE A 135 9.46 12.00 4.42
CA ILE A 135 9.94 12.08 5.79
C ILE A 135 9.04 11.29 6.75
N GLU A 136 9.68 10.56 7.65
CA GLU A 136 8.98 9.91 8.76
C GLU A 136 9.27 10.70 10.03
N THR A 137 8.29 11.43 10.53
CA THR A 137 8.50 12.27 11.71
C THR A 137 7.43 12.03 12.78
N ASN A 138 7.80 12.23 14.04
CA ASN A 138 6.87 11.99 15.14
C ASN A 138 5.90 13.17 15.33
N GLY A 139 6.18 14.27 14.65
CA GLY A 139 5.29 15.42 14.65
C GLY A 139 5.50 16.40 15.79
N SER A 140 6.53 16.17 16.61
CA SER A 140 6.79 17.04 17.75
C SER A 140 7.65 18.25 17.36
N LEU A 141 8.20 18.21 16.16
CA LEU A 141 9.02 19.32 15.64
C LEU A 141 8.46 19.82 14.32
N PRO A 142 8.56 21.13 14.07
CA PRO A 142 8.12 21.69 12.79
C PRO A 142 8.89 21.09 11.62
N VAL A 143 8.21 20.87 10.49
CA VAL A 143 8.84 20.24 9.33
C VAL A 143 9.00 21.23 8.18
N LEU A 144 9.89 20.88 7.25
CA LEU A 144 10.12 21.69 6.06
C LEU A 144 9.03 21.46 5.03
N GLU A 145 8.40 22.54 4.58
CA GLU A 145 7.28 22.46 3.65
C GLU A 145 7.69 21.97 2.26
N SER A 146 8.98 22.13 1.95
CA SER A 146 9.48 21.76 0.61
C SER A 146 9.62 20.25 0.44
N ILE A 147 9.43 19.50 1.52
CA ILE A 147 9.48 18.04 1.46
C ILE A 147 8.27 17.52 0.71
N ASP A 148 8.51 16.61 -0.23
CA ASP A 148 7.46 16.12 -1.13
C ASP A 148 6.39 15.31 -0.43
N TRP A 149 6.81 14.41 0.45
CA TRP A 149 5.85 13.56 1.16
C TRP A 149 6.07 13.60 2.67
N ILE A 150 5.15 14.23 3.39
CA ILE A 150 5.28 14.37 4.83
C ILE A 150 4.37 13.36 5.56
N CYS A 151 5.00 12.39 6.21
CA CYS A 151 4.28 11.39 6.98
C CYS A 151 4.48 11.60 8.47
N VAL A 152 3.38 11.80 9.19
CA VAL A 152 3.42 12.08 10.62
C VAL A 152 2.90 10.92 11.44
N SER A 153 3.69 10.48 12.42
CA SER A 153 3.28 9.42 13.32
C SER A 153 3.23 9.94 14.75
N PRO A 154 2.07 10.49 15.14
CA PRO A 154 1.92 11.17 16.43
C PRO A 154 2.06 10.24 17.62
N LYS A 155 2.87 10.63 18.59
CA LYS A 155 3.03 9.88 19.83
C LYS A 155 2.08 10.47 20.89
N ALA A 156 1.39 9.60 21.61
CA ALA A 156 0.29 10.00 22.49
C ALA A 156 0.71 10.96 23.60
N ASP A 157 1.91 10.78 24.13
CA ASP A 157 2.37 11.61 25.25
C ASP A 157 3.39 12.65 24.81
N ALA A 158 3.31 13.06 23.55
CA ALA A 158 4.18 14.10 23.02
C ALA A 158 3.34 15.19 22.37
N PRO A 159 3.84 16.43 22.37
CA PRO A 159 3.13 17.50 21.67
C PRO A 159 3.12 17.28 20.16
N LEU A 160 2.00 17.59 19.52
CA LEU A 160 1.88 17.45 18.07
C LEU A 160 1.79 18.82 17.42
N VAL A 161 2.89 19.30 16.84
CA VAL A 161 2.92 20.62 16.25
C VAL A 161 2.68 20.58 14.74
N VAL A 162 2.76 19.39 14.15
CA VAL A 162 2.50 19.24 12.72
C VAL A 162 1.09 18.69 12.50
N THR A 163 0.14 19.60 12.32
CA THR A 163 -1.27 19.22 12.19
C THR A 163 -1.72 19.13 10.74
N LYS A 164 -0.77 19.14 9.82
CA LYS A 164 -1.09 18.94 8.41
C LYS A 164 0.06 18.26 7.68
N GLY A 165 -0.27 17.59 6.58
CA GLY A 165 0.71 16.87 5.80
C GLY A 165 0.05 15.93 4.82
N ASN A 166 0.81 14.95 4.34
CA ASN A 166 0.31 14.01 3.36
C ASN A 166 -0.28 12.76 4.01
N GLU A 167 0.46 12.21 4.96
CA GLU A 167 0.12 10.92 5.56
C GLU A 167 0.15 10.98 7.08
N LEU A 168 -0.97 10.63 7.70
CA LEU A 168 -1.02 10.52 9.15
C LEU A 168 -1.07 9.05 9.55
N LYS A 169 0.10 8.50 9.89
CA LYS A 169 0.22 7.08 10.22
C LYS A 169 0.34 6.87 11.73
N VAL A 170 -0.78 6.51 12.36
CA VAL A 170 -0.82 6.39 13.81
C VAL A 170 -0.62 4.95 14.27
N VAL A 171 0.31 4.75 15.21
CA VAL A 171 0.56 3.43 15.76
C VAL A 171 -0.37 3.14 16.93
N ILE A 172 -1.14 2.06 16.82
CA ILE A 172 -2.12 1.71 17.84
C ILE A 172 -1.86 0.30 18.38
N PRO A 173 -2.24 0.05 19.66
CA PRO A 173 -2.82 1.03 20.58
C PRO A 173 -1.78 1.72 21.46
N GLN A 174 -2.04 2.98 21.78
CA GLN A 174 -1.27 3.70 22.80
C GLN A 174 -2.25 4.19 23.86
N ASP A 175 -1.81 4.26 25.11
CA ASP A 175 -2.66 4.81 26.15
C ASP A 175 -2.80 6.31 25.94
N ASN A 176 -3.88 6.88 26.47
CA ASN A 176 -4.19 8.31 26.35
C ASN A 176 -4.44 8.75 24.91
N GLN A 177 -4.60 7.79 24.00
CA GLN A 177 -4.74 8.10 22.59
C GLN A 177 -6.13 8.61 22.25
N ARG A 178 -6.18 9.68 21.48
CA ARG A 178 -7.44 10.22 20.98
C ARG A 178 -7.50 10.03 19.47
N LEU A 179 -7.88 8.82 19.07
CA LEU A 179 -7.76 8.39 17.68
C LEU A 179 -8.68 9.14 16.73
N ALA A 180 -9.94 9.30 17.12
CA ALA A 180 -10.93 9.94 16.27
C ALA A 180 -10.59 11.40 15.98
N ASP A 181 -10.00 12.09 16.96
CA ASP A 181 -9.63 13.49 16.80
C ASP A 181 -8.56 13.68 15.74
N TYR A 182 -7.72 12.66 15.58
CA TYR A 182 -6.66 12.68 14.57
C TYR A 182 -7.24 12.83 13.17
N ALA A 183 -8.44 12.28 12.96
CA ALA A 183 -9.08 12.29 11.65
C ALA A 183 -9.58 13.68 11.26
N LYS A 184 -9.55 14.62 12.20
CA LYS A 184 -9.96 15.99 11.92
C LYS A 184 -8.81 16.81 11.36
N LEU A 185 -7.59 16.28 11.48
CA LEU A 185 -6.41 17.00 11.02
C LEU A 185 -6.34 17.07 9.49
N ASP A 186 -5.49 17.95 8.98
CA ASP A 186 -5.41 18.19 7.54
C ASP A 186 -4.41 17.26 6.86
N PHE A 187 -4.82 16.02 6.65
CA PHE A 187 -3.99 15.04 5.95
C PHE A 187 -4.77 14.38 4.83
N GLU A 188 -4.05 13.85 3.84
CA GLU A 188 -4.69 13.17 2.73
C GLU A 188 -5.01 11.72 3.10
N TYR A 189 -4.04 11.05 3.71
CA TYR A 189 -4.20 9.65 4.12
C TYR A 189 -4.19 9.50 5.62
N PHE A 190 -5.10 8.68 6.14
CA PHE A 190 -5.14 8.37 7.56
C PHE A 190 -4.95 6.87 7.77
N LEU A 191 -3.82 6.51 8.38
CA LEU A 191 -3.48 5.10 8.55
C LEU A 191 -3.32 4.71 10.02
N VAL A 192 -3.71 3.49 10.35
CA VAL A 192 -3.36 2.91 11.64
C VAL A 192 -2.37 1.77 11.40
N GLN A 193 -1.36 1.70 12.27
CA GLN A 193 -0.33 0.68 12.14
C GLN A 193 -0.21 -0.08 13.45
N PRO A 194 -0.39 -1.41 13.40
CA PRO A 194 -0.32 -2.25 14.60
C PRO A 194 1.02 -2.11 15.32
N MET A 195 0.99 -1.88 16.62
CA MET A 195 2.21 -1.79 17.40
C MET A 195 2.89 -3.15 17.47
N ASP A 196 4.06 -3.26 16.85
CA ASP A 196 4.81 -4.50 16.87
C ASP A 196 5.41 -4.73 18.26
N GLY A 197 5.53 -5.99 18.64
CA GLY A 197 5.98 -6.37 19.96
C GLY A 197 5.38 -7.71 20.32
N PRO A 198 5.22 -7.98 21.62
CA PRO A 198 4.67 -9.27 22.07
C PRO A 198 3.18 -9.43 21.77
N SER A 199 2.55 -8.39 21.22
CA SER A 199 1.12 -8.42 20.94
C SER A 199 0.78 -7.96 19.52
N ARG A 200 1.71 -8.13 18.60
CA ARG A 200 1.54 -7.64 17.22
C ARG A 200 0.29 -8.22 16.54
N ASP A 201 0.11 -9.54 16.67
CA ASP A 201 -1.05 -10.19 16.08
C ASP A 201 -2.33 -9.65 16.69
N LEU A 202 -2.30 -9.39 17.99
CA LEU A 202 -3.44 -8.82 18.69
C LEU A 202 -3.75 -7.42 18.18
N ASN A 203 -2.72 -6.58 18.11
CA ASN A 203 -2.88 -5.21 17.66
C ASN A 203 -3.33 -5.12 16.20
N THR A 204 -2.93 -6.11 15.41
CA THR A 204 -3.33 -6.16 14.01
C THR A 204 -4.85 -6.34 13.88
N LYS A 205 -5.40 -7.25 14.68
CA LYS A 205 -6.84 -7.46 14.72
C LYS A 205 -7.58 -6.19 15.13
N LEU A 206 -7.02 -5.49 16.11
CA LEU A 206 -7.57 -4.21 16.57
C LEU A 206 -7.59 -3.18 15.44
N ALA A 207 -6.46 -3.05 14.76
CA ALA A 207 -6.32 -2.09 13.67
C ALA A 207 -7.32 -2.39 12.55
N ILE A 208 -7.44 -3.67 12.19
CA ILE A 208 -8.37 -4.09 11.16
C ILE A 208 -9.80 -3.75 11.58
N ASP A 209 -10.12 -4.03 12.83
CA ASP A 209 -11.46 -3.74 13.36
C ASP A 209 -11.75 -2.25 13.31
N TRP A 210 -10.74 -1.44 13.64
CA TRP A 210 -10.90 0.00 13.67
C TRP A 210 -11.24 0.58 12.30
N CYS A 211 -10.52 0.12 11.27
CA CYS A 211 -10.75 0.60 9.92
C CYS A 211 -12.13 0.21 9.41
N LYS A 212 -12.57 -0.99 9.74
CA LYS A 212 -13.86 -1.47 9.29
C LYS A 212 -14.99 -0.71 9.99
N ARG A 213 -14.76 -0.33 11.24
CA ARG A 213 -15.74 0.44 12.00
C ARG A 213 -15.70 1.92 11.62
N HIS A 214 -14.53 2.38 11.17
CA HIS A 214 -14.37 3.77 10.75
C HIS A 214 -13.55 3.86 9.46
N PRO A 215 -14.21 3.69 8.31
CA PRO A 215 -13.58 3.52 7.00
C PRO A 215 -12.84 4.76 6.46
N GLN A 216 -12.65 5.78 7.28
CA GLN A 216 -11.78 6.88 6.91
C GLN A 216 -10.34 6.44 7.03
N TRP A 217 -10.12 5.47 7.93
CA TRP A 217 -8.79 4.95 8.21
C TRP A 217 -8.46 3.75 7.35
N ARG A 218 -7.21 3.66 6.92
CA ARG A 218 -6.72 2.49 6.21
C ARG A 218 -5.64 1.79 7.05
N LEU A 219 -5.43 0.51 6.79
CA LEU A 219 -4.44 -0.26 7.54
C LEU A 219 -3.04 -0.07 6.98
N SER A 220 -2.10 0.27 7.86
CA SER A 220 -0.69 0.27 7.51
C SER A 220 -0.01 -0.96 8.10
N MET A 221 0.35 -1.89 7.23
CA MET A 221 0.99 -3.12 7.66
C MET A 221 2.49 -3.04 7.45
N GLN A 222 3.26 -3.46 8.46
CA GLN A 222 4.71 -3.50 8.34
C GLN A 222 5.12 -4.71 7.52
N THR A 223 4.97 -4.60 6.21
CA THR A 223 5.16 -5.73 5.30
C THR A 223 6.59 -6.28 5.32
N HIS A 224 7.56 -5.41 5.53
CA HIS A 224 8.96 -5.82 5.49
C HIS A 224 9.33 -6.78 6.61
N LYS A 225 8.49 -6.85 7.63
CA LYS A 225 8.69 -7.80 8.72
C LYS A 225 8.07 -9.16 8.39
N TYR A 226 7.32 -9.21 7.30
CA TYR A 226 6.74 -10.45 6.80
C TYR A 226 7.53 -10.98 5.62
N LEU A 227 8.02 -10.05 4.81
CA LEU A 227 8.80 -10.39 3.62
C LEU A 227 10.27 -10.61 3.97
N ASN A 228 10.63 -10.25 5.20
CA ASN A 228 12.01 -10.34 5.67
C ASN A 228 13.01 -9.67 4.73
N ILE A 229 12.80 -8.37 4.51
CA ILE A 229 13.71 -7.57 3.71
C ILE A 229 14.18 -6.38 4.55
N PRO A 230 15.36 -5.83 4.23
CA PRO A 230 15.87 -4.65 4.96
C PRO A 230 14.88 -3.49 4.98
N THR B 22 -29.80 -8.01 -15.09
CA THR B 22 -29.59 -9.13 -14.19
C THR B 22 -28.09 -9.42 -14.01
N TYR B 23 -27.70 -9.75 -12.79
CA TYR B 23 -26.28 -9.98 -12.47
C TYR B 23 -26.06 -11.28 -11.71
N ALA B 24 -25.05 -12.03 -12.12
CA ALA B 24 -24.68 -13.28 -11.44
C ALA B 24 -23.47 -13.04 -10.53
N VAL B 25 -23.73 -12.89 -9.24
CA VAL B 25 -22.67 -12.59 -8.29
C VAL B 25 -22.31 -13.81 -7.43
N LYS B 26 -21.01 -14.11 -7.39
CA LYS B 26 -20.49 -15.22 -6.59
C LYS B 26 -20.58 -14.92 -5.10
N GLU B 27 -20.03 -13.79 -4.69
CA GLU B 27 -20.02 -13.41 -3.29
C GLU B 27 -19.84 -11.91 -3.10
N ILE B 28 -20.44 -11.37 -2.03
CA ILE B 28 -20.26 -9.97 -1.66
C ILE B 28 -19.84 -9.87 -0.20
N PHE B 29 -18.70 -9.25 0.06
CA PHE B 29 -18.20 -9.14 1.43
C PHE B 29 -17.49 -7.82 1.69
N TYR B 30 -17.51 -7.40 2.95
CA TYR B 30 -16.89 -6.15 3.39
C TYR B 30 -15.63 -6.43 4.18
N THR B 31 -14.52 -5.84 3.74
CA THR B 31 -13.23 -6.10 4.36
C THR B 31 -12.24 -5.00 3.98
N LEU B 32 -10.96 -5.21 4.27
CA LEU B 32 -9.92 -4.29 3.82
C LEU B 32 -9.28 -4.83 2.55
N GLN B 33 -8.99 -3.95 1.61
CA GLN B 33 -8.30 -4.34 0.39
C GLN B 33 -6.94 -4.94 0.73
N GLY B 34 -6.71 -6.16 0.27
CA GLY B 34 -5.49 -6.88 0.62
C GLY B 34 -4.31 -6.55 -0.26
N GLU B 35 -4.56 -6.22 -1.52
CA GLU B 35 -3.49 -6.02 -2.47
C GLU B 35 -3.68 -4.75 -3.31
N GLY B 36 -2.64 -4.38 -4.04
CA GLY B 36 -2.71 -3.25 -4.96
C GLY B 36 -2.29 -1.94 -4.33
N ALA B 37 -2.47 -0.86 -5.09
CA ALA B 37 -2.09 0.47 -4.66
C ALA B 37 -2.97 0.98 -3.52
N ASN B 38 -4.14 0.37 -3.35
CA ASN B 38 -5.07 0.76 -2.30
C ASN B 38 -5.18 -0.28 -1.19
N ALA B 39 -4.11 -1.05 -1.00
CA ALA B 39 -4.08 -2.06 0.04
C ALA B 39 -4.25 -1.43 1.42
N GLY B 40 -5.12 -2.01 2.22
CA GLY B 40 -5.38 -1.51 3.56
C GLY B 40 -6.66 -0.70 3.64
N ARG B 41 -7.21 -0.34 2.49
CA ARG B 41 -8.39 0.51 2.44
C ARG B 41 -9.68 -0.30 2.57
N PRO B 42 -10.58 0.12 3.48
CA PRO B 42 -11.87 -0.53 3.66
C PRO B 42 -12.72 -0.46 2.41
N ALA B 43 -13.29 -1.60 2.00
CA ALA B 43 -14.10 -1.64 0.79
C ALA B 43 -15.00 -2.86 0.77
N VAL B 44 -16.10 -2.76 0.02
CA VAL B 44 -16.94 -3.90 -0.24
C VAL B 44 -16.50 -4.58 -1.53
N PHE B 45 -16.22 -5.87 -1.46
CA PHE B 45 -15.85 -6.62 -2.65
C PHE B 45 -17.07 -7.29 -3.25
N CYS B 46 -17.33 -6.98 -4.51
CA CYS B 46 -18.38 -7.66 -5.27
C CYS B 46 -17.72 -8.57 -6.29
N ARG B 47 -17.74 -9.87 -6.02
CA ARG B 47 -17.10 -10.84 -6.89
C ARG B 47 -18.10 -11.45 -7.86
N PHE B 48 -18.04 -11.03 -9.11
CA PHE B 48 -18.94 -11.56 -10.14
C PHE B 48 -18.57 -12.99 -10.52
N ALA B 49 -19.57 -13.77 -10.89
CA ALA B 49 -19.36 -15.15 -11.29
C ALA B 49 -18.97 -15.23 -12.76
N GLY B 50 -18.06 -16.15 -13.07
CA GLY B 50 -17.67 -16.40 -14.45
C GLY B 50 -16.52 -15.54 -14.94
N CYS B 51 -15.65 -16.16 -15.74
CA CYS B 51 -14.54 -15.45 -16.36
C CYS B 51 -14.41 -15.88 -17.82
N ASN B 52 -13.81 -15.01 -18.64
CA ASN B 52 -13.69 -15.30 -20.07
C ASN B 52 -12.37 -15.98 -20.44
N LEU B 53 -11.47 -16.11 -19.46
CA LEU B 53 -10.16 -16.69 -19.72
C LEU B 53 -10.00 -18.06 -19.06
N TRP B 54 -11.00 -18.47 -18.28
CA TRP B 54 -11.00 -19.77 -17.64
C TRP B 54 -12.40 -20.14 -17.16
N SER B 55 -12.81 -21.37 -17.43
CA SER B 55 -14.13 -21.86 -17.03
C SER B 55 -14.28 -21.89 -15.52
N GLY B 56 -13.19 -22.20 -14.82
CA GLY B 56 -13.22 -22.31 -13.38
C GLY B 56 -13.08 -23.76 -12.93
N ARG B 57 -13.20 -24.67 -13.89
CA ARG B 57 -13.05 -26.10 -13.59
C ARG B 57 -11.58 -26.50 -13.65
N GLU B 58 -11.16 -27.31 -12.67
CA GLU B 58 -9.76 -27.70 -12.54
C GLU B 58 -9.28 -28.55 -13.72
N GLU B 59 -10.22 -29.23 -14.38
CA GLU B 59 -9.89 -30.07 -15.53
C GLU B 59 -9.58 -29.22 -16.77
N ASP B 60 -10.01 -27.96 -16.74
CA ASP B 60 -9.80 -27.05 -17.87
C ASP B 60 -8.60 -26.14 -17.66
N ARG B 61 -8.11 -26.07 -16.43
CA ARG B 61 -7.05 -25.12 -16.08
C ARG B 61 -5.78 -25.32 -16.90
N ALA B 62 -5.40 -26.58 -17.10
CA ALA B 62 -4.14 -26.91 -17.76
C ALA B 62 -4.07 -26.38 -19.20
N GLN B 63 -5.24 -26.12 -19.81
CA GLN B 63 -5.27 -25.64 -21.18
C GLN B 63 -6.04 -24.33 -21.30
N ALA B 64 -6.24 -23.64 -20.18
CA ALA B 64 -6.94 -22.37 -20.17
C ALA B 64 -6.00 -21.25 -20.64
N VAL B 65 -6.57 -20.09 -20.95
CA VAL B 65 -5.76 -18.93 -21.32
C VAL B 65 -5.05 -18.39 -20.09
N CYS B 66 -5.77 -18.35 -18.97
CA CYS B 66 -5.21 -17.97 -17.68
C CYS B 66 -5.24 -19.18 -16.75
N ARG B 67 -4.06 -19.61 -16.30
CA ARG B 67 -3.95 -20.92 -15.65
C ARG B 67 -3.47 -20.89 -14.20
N PHE B 68 -3.30 -19.69 -13.65
CA PHE B 68 -2.75 -19.58 -12.29
C PHE B 68 -3.72 -19.01 -11.28
N CYS B 69 -4.99 -18.88 -11.67
CA CYS B 69 -6.01 -18.31 -10.80
C CYS B 69 -6.16 -19.12 -9.51
N ASP B 70 -6.34 -18.42 -8.40
CA ASP B 70 -6.52 -19.07 -7.10
C ASP B 70 -7.86 -18.70 -6.49
N THR B 71 -8.76 -18.19 -7.33
CA THR B 71 -10.06 -17.70 -6.88
C THR B 71 -11.20 -18.56 -7.40
N ASP B 72 -12.17 -18.81 -6.53
CA ASP B 72 -13.39 -19.52 -6.93
C ASP B 72 -14.46 -18.53 -7.36
N PHE B 73 -14.75 -18.49 -8.66
CA PHE B 73 -15.75 -17.58 -9.21
C PHE B 73 -16.88 -18.33 -9.91
N VAL B 74 -17.06 -19.60 -9.56
CA VAL B 74 -18.07 -20.42 -10.19
C VAL B 74 -19.33 -20.54 -9.33
N GLY B 75 -20.47 -20.19 -9.90
CA GLY B 75 -21.73 -20.26 -9.20
C GLY B 75 -22.06 -18.98 -8.45
N THR B 76 -23.19 -18.99 -7.75
CA THR B 76 -23.62 -17.84 -6.96
C THR B 76 -23.96 -18.27 -5.54
N ASP B 77 -23.09 -19.09 -4.95
CA ASP B 77 -23.38 -19.73 -3.67
C ASP B 77 -22.52 -19.21 -2.52
N GLY B 78 -21.71 -18.19 -2.78
CA GLY B 78 -20.86 -17.62 -1.75
C GLY B 78 -21.63 -16.74 -0.78
N GLU B 79 -20.90 -16.06 0.09
CA GLU B 79 -21.50 -15.16 1.08
C GLU B 79 -22.20 -13.99 0.38
N ASN B 80 -23.48 -13.81 0.69
CA ASN B 80 -24.32 -12.79 0.06
C ASN B 80 -24.37 -12.93 -1.46
N GLY B 81 -24.05 -14.11 -1.96
CA GLY B 81 -24.06 -14.38 -3.38
C GLY B 81 -25.45 -14.73 -3.87
N GLY B 82 -25.69 -14.52 -5.16
CA GLY B 82 -26.98 -14.83 -5.75
C GLY B 82 -27.15 -14.22 -7.12
N LYS B 83 -28.34 -14.43 -7.71
CA LYS B 83 -28.64 -13.88 -9.02
C LYS B 83 -29.53 -12.65 -8.87
N PHE B 84 -28.91 -11.47 -8.97
CA PHE B 84 -29.63 -10.21 -8.79
C PHE B 84 -30.36 -9.80 -10.05
N LYS B 85 -31.57 -9.29 -9.90
CA LYS B 85 -32.43 -8.99 -11.04
C LYS B 85 -32.09 -7.64 -11.68
N ASP B 86 -31.72 -6.67 -10.87
CA ASP B 86 -31.34 -5.36 -11.38
C ASP B 86 -30.27 -4.71 -10.51
N ALA B 87 -29.81 -3.53 -10.93
CA ALA B 87 -28.73 -2.84 -10.25
C ALA B 87 -29.10 -2.44 -8.83
N ASP B 88 -30.30 -1.91 -8.64
CA ASP B 88 -30.75 -1.42 -7.35
C ASP B 88 -30.78 -2.54 -6.31
N ALA B 89 -31.13 -3.75 -6.74
CA ALA B 89 -31.14 -4.91 -5.86
C ALA B 89 -29.72 -5.27 -5.44
N LEU B 90 -28.78 -5.10 -6.35
CA LEU B 90 -27.38 -5.37 -6.07
C LEU B 90 -26.77 -4.27 -5.20
N VAL B 91 -27.10 -3.02 -5.53
CA VAL B 91 -26.60 -1.87 -4.76
C VAL B 91 -27.10 -1.92 -3.33
N ALA B 92 -28.36 -2.31 -3.15
CA ALA B 92 -28.96 -2.42 -1.83
C ALA B 92 -28.16 -3.38 -0.95
N THR B 93 -27.76 -4.51 -1.52
CA THR B 93 -26.98 -5.50 -0.78
C THR B 93 -25.59 -4.98 -0.46
N ILE B 94 -24.96 -4.32 -1.43
CA ILE B 94 -23.63 -3.75 -1.26
C ILE B 94 -23.65 -2.64 -0.21
N ALA B 95 -24.60 -1.74 -0.32
CA ALA B 95 -24.72 -0.63 0.63
C ALA B 95 -25.09 -1.11 2.03
N GLY B 96 -25.79 -2.23 2.10
CA GLY B 96 -26.20 -2.79 3.37
C GLY B 96 -25.02 -3.31 4.18
N LEU B 97 -23.92 -3.63 3.51
CA LEU B 97 -22.75 -4.17 4.17
C LEU B 97 -21.87 -3.08 4.78
N TRP B 98 -22.12 -1.84 4.39
CA TRP B 98 -21.34 -0.72 4.90
C TRP B 98 -21.83 -0.30 6.28
N PRO B 99 -20.88 0.03 7.17
CA PRO B 99 -21.21 0.52 8.51
C PRO B 99 -22.14 1.72 8.46
N ALA B 100 -23.25 1.65 9.19
CA ALA B 100 -24.26 2.70 9.14
C ALA B 100 -23.73 4.02 9.68
N GLY B 101 -24.01 5.09 8.95
CA GLY B 101 -23.61 6.42 9.36
C GLY B 101 -22.18 6.77 8.99
N GLU B 102 -21.52 5.86 8.28
CA GLU B 102 -20.14 6.08 7.87
C GLU B 102 -20.04 6.38 6.38
N ALA B 103 -19.17 7.32 6.02
CA ALA B 103 -18.96 7.70 4.63
C ALA B 103 -17.86 6.88 3.98
N HIS B 104 -17.16 7.50 3.03
CA HIS B 104 -16.04 6.87 2.33
C HIS B 104 -16.41 5.54 1.69
N ARG B 105 -17.66 5.43 1.26
CA ARG B 105 -18.16 4.20 0.67
C ARG B 105 -17.39 3.85 -0.59
N PHE B 106 -16.88 2.62 -0.65
CA PHE B 106 -16.06 2.18 -1.76
C PHE B 106 -16.30 0.71 -2.09
N VAL B 107 -16.53 0.42 -3.36
CA VAL B 107 -16.77 -0.94 -3.79
C VAL B 107 -15.72 -1.38 -4.82
N VAL B 108 -15.27 -2.62 -4.69
CA VAL B 108 -14.34 -3.19 -5.66
C VAL B 108 -15.05 -4.26 -6.49
N CYS B 109 -15.14 -4.02 -7.79
CA CYS B 109 -15.77 -4.99 -8.69
C CYS B 109 -14.72 -5.96 -9.23
N THR B 110 -14.86 -7.23 -8.85
CA THR B 110 -13.90 -8.25 -9.26
C THR B 110 -14.61 -9.53 -9.68
N GLY B 111 -13.90 -10.65 -9.66
CA GLY B 111 -14.47 -11.93 -10.06
C GLY B 111 -13.45 -13.06 -10.02
N GLY B 112 -13.39 -13.84 -11.10
CA GLY B 112 -14.20 -13.64 -12.28
C GLY B 112 -13.70 -12.48 -13.12
N GLU B 113 -14.34 -12.23 -14.26
CA GLU B 113 -14.07 -11.03 -15.03
C GLU B 113 -15.30 -10.12 -14.97
N PRO B 114 -15.23 -9.05 -14.17
CA PRO B 114 -16.36 -8.17 -13.92
C PRO B 114 -16.91 -7.48 -15.16
N MET B 115 -16.07 -7.23 -16.16
CA MET B 115 -16.53 -6.53 -17.36
C MET B 115 -17.44 -7.40 -18.23
N LEU B 116 -17.63 -8.66 -17.83
CA LEU B 116 -18.61 -9.52 -18.48
C LEU B 116 -20.01 -9.12 -18.09
N GLN B 117 -20.16 -8.51 -16.91
CA GLN B 117 -21.48 -8.17 -16.38
C GLN B 117 -21.64 -6.71 -16.00
N LEU B 118 -20.53 -6.06 -15.63
CA LEU B 118 -20.57 -4.67 -15.17
C LEU B 118 -20.98 -3.72 -16.28
N ASP B 119 -22.15 -3.10 -16.14
CA ASP B 119 -22.65 -2.15 -17.12
C ASP B 119 -22.80 -0.76 -16.51
N GLN B 120 -23.19 0.20 -17.35
CA GLN B 120 -23.36 1.58 -16.91
C GLN B 120 -24.51 1.79 -15.89
N PRO B 121 -25.67 1.12 -16.08
CA PRO B 121 -26.72 1.27 -15.07
C PRO B 121 -26.28 0.92 -13.65
N LEU B 122 -25.41 -0.08 -13.50
CA LEU B 122 -24.91 -0.46 -12.19
C LEU B 122 -23.94 0.59 -11.65
N VAL B 123 -23.11 1.13 -12.54
CA VAL B 123 -22.15 2.17 -12.17
C VAL B 123 -22.86 3.43 -11.67
N ASP B 124 -23.91 3.83 -12.39
CA ASP B 124 -24.68 5.01 -12.02
C ASP B 124 -25.38 4.80 -10.68
N ALA B 125 -25.85 3.58 -10.44
CA ALA B 125 -26.57 3.27 -9.21
C ALA B 125 -25.63 3.26 -8.01
N LEU B 126 -24.39 2.82 -8.21
CA LEU B 126 -23.40 2.81 -7.15
C LEU B 126 -22.98 4.24 -6.80
N HIS B 127 -22.72 5.05 -7.82
CA HIS B 127 -22.37 6.45 -7.63
C HIS B 127 -23.50 7.21 -6.95
N ALA B 128 -24.73 6.83 -7.27
CA ALA B 128 -25.91 7.44 -6.66
C ALA B 128 -25.97 7.13 -5.17
N ALA B 129 -25.40 5.99 -4.78
CA ALA B 129 -25.42 5.56 -3.39
C ALA B 129 -24.22 6.11 -2.62
N GLY B 130 -23.40 6.90 -3.29
CA GLY B 130 -22.23 7.50 -2.66
C GLY B 130 -21.03 6.60 -2.62
N PHE B 131 -21.00 5.62 -3.53
CA PHE B 131 -19.88 4.68 -3.61
C PHE B 131 -18.85 5.12 -4.64
N GLY B 132 -17.57 4.98 -4.28
CA GLY B 132 -16.50 5.10 -5.25
C GLY B 132 -16.27 3.71 -5.83
N ILE B 133 -16.06 3.63 -7.14
CA ILE B 133 -15.99 2.33 -7.80
C ILE B 133 -14.59 2.01 -8.31
N ALA B 134 -14.08 0.86 -7.91
CA ALA B 134 -12.83 0.33 -8.45
C ALA B 134 -13.11 -0.97 -9.18
N ILE B 135 -12.25 -1.31 -10.14
CA ILE B 135 -12.43 -2.55 -10.88
C ILE B 135 -11.12 -3.31 -11.04
N GLU B 136 -11.19 -4.61 -10.82
CA GLU B 136 -10.07 -5.51 -11.08
C GLU B 136 -10.38 -6.30 -12.35
N THR B 137 -9.71 -5.97 -13.44
CA THR B 137 -10.00 -6.62 -14.72
C THR B 137 -8.74 -7.16 -15.39
N ASN B 138 -8.89 -8.23 -16.18
CA ASN B 138 -7.75 -8.85 -16.83
C ASN B 138 -7.27 -8.08 -18.05
N GLY B 139 -8.08 -7.11 -18.48
CA GLY B 139 -7.69 -6.21 -19.55
C GLY B 139 -8.01 -6.72 -20.95
N SER B 140 -8.75 -7.81 -21.04
CA SER B 140 -9.08 -8.40 -22.33
C SER B 140 -10.41 -7.86 -22.87
N LEU B 141 -11.07 -7.03 -22.05
CA LEU B 141 -12.35 -6.45 -22.43
C LEU B 141 -12.37 -4.95 -22.18
N PRO B 142 -12.99 -4.19 -23.10
CA PRO B 142 -13.09 -2.72 -22.94
C PRO B 142 -13.80 -2.36 -21.65
N VAL B 143 -13.27 -1.38 -20.91
CA VAL B 143 -13.82 -1.00 -19.63
C VAL B 143 -14.60 0.31 -19.70
N LEU B 144 -15.43 0.55 -18.70
CA LEU B 144 -16.19 1.79 -18.60
C LEU B 144 -15.33 2.92 -18.05
N GLU B 145 -15.32 4.04 -18.75
CA GLU B 145 -14.48 5.18 -18.37
C GLU B 145 -14.92 5.78 -17.03
N SER B 146 -16.21 5.68 -16.72
CA SER B 146 -16.77 6.34 -15.55
C SER B 146 -16.36 5.66 -14.24
N ILE B 147 -15.74 4.49 -14.34
CA ILE B 147 -15.22 3.80 -13.16
C ILE B 147 -14.08 4.61 -12.55
N ASP B 148 -14.14 4.83 -11.24
CA ASP B 148 -13.22 5.75 -10.57
C ASP B 148 -11.78 5.25 -10.53
N TRP B 149 -11.60 3.97 -10.24
CA TRP B 149 -10.26 3.39 -10.19
C TRP B 149 -10.19 2.13 -11.05
N ILE B 150 -9.37 2.18 -12.09
CA ILE B 150 -9.25 1.04 -13.00
C ILE B 150 -7.93 0.31 -12.80
N CYS B 151 -8.02 -0.93 -12.32
CA CYS B 151 -6.86 -1.78 -12.12
C CYS B 151 -6.80 -2.87 -13.19
N VAL B 152 -5.73 -2.88 -13.98
CA VAL B 152 -5.59 -3.87 -15.03
C VAL B 152 -4.48 -4.87 -14.70
N SER B 153 -4.82 -6.16 -14.75
CA SER B 153 -3.86 -7.22 -14.49
C SER B 153 -3.70 -8.10 -15.72
N PRO B 154 -2.75 -7.75 -16.58
CA PRO B 154 -2.57 -8.39 -17.90
C PRO B 154 -2.23 -9.86 -17.79
N LYS B 155 -2.92 -10.69 -18.57
CA LYS B 155 -2.59 -12.09 -18.69
C LYS B 155 -1.77 -12.29 -19.96
N ALA B 156 -0.61 -12.92 -19.81
CA ALA B 156 0.40 -12.96 -20.88
C ALA B 156 -0.08 -13.61 -22.18
N ASP B 157 -0.91 -14.65 -22.08
CA ASP B 157 -1.36 -15.35 -23.27
C ASP B 157 -2.72 -14.84 -23.74
N ALA B 158 -3.12 -13.68 -23.23
CA ALA B 158 -4.39 -13.08 -23.60
C ALA B 158 -4.17 -11.72 -24.23
N PRO B 159 -5.08 -11.30 -25.11
CA PRO B 159 -4.98 -9.96 -25.68
C PRO B 159 -5.22 -8.88 -24.64
N LEU B 160 -4.49 -7.77 -24.75
CA LEU B 160 -4.66 -6.64 -23.85
C LEU B 160 -5.23 -5.45 -24.61
N VAL B 161 -6.52 -5.18 -24.40
CA VAL B 161 -7.18 -4.10 -25.13
C VAL B 161 -7.31 -2.85 -24.27
N VAL B 162 -7.09 -2.99 -22.97
CA VAL B 162 -7.07 -1.85 -22.06
C VAL B 162 -5.64 -1.42 -21.81
N THR B 163 -5.18 -0.41 -22.54
CA THR B 163 -3.79 0.04 -22.45
C THR B 163 -3.64 1.35 -21.69
N LYS B 164 -4.70 1.74 -20.98
CA LYS B 164 -4.61 2.88 -20.07
C LYS B 164 -5.56 2.68 -18.89
N GLY B 165 -5.20 3.27 -17.76
CA GLY B 165 -5.98 3.14 -16.54
C GLY B 165 -5.24 3.75 -15.37
N ASN B 166 -5.68 3.41 -14.16
CA ASN B 166 -5.09 3.98 -12.97
C ASN B 166 -3.87 3.18 -12.47
N GLU B 167 -4.04 1.86 -12.33
CA GLU B 167 -2.91 1.03 -11.94
C GLU B 167 -2.79 -0.23 -12.79
N LEU B 168 -1.55 -0.61 -13.08
CA LEU B 168 -1.26 -1.84 -13.80
C LEU B 168 -0.60 -2.83 -12.84
N LYS B 169 -1.36 -3.83 -12.41
CA LYS B 169 -0.86 -4.81 -11.46
C LYS B 169 -0.56 -6.14 -12.14
N VAL B 170 0.70 -6.36 -12.48
CA VAL B 170 1.11 -7.54 -13.22
C VAL B 170 1.54 -8.68 -12.30
N VAL B 171 0.96 -9.86 -12.49
CA VAL B 171 1.35 -11.02 -11.71
C VAL B 171 2.54 -11.74 -12.36
N ILE B 172 3.60 -11.93 -11.59
CA ILE B 172 4.84 -12.50 -12.10
C ILE B 172 5.28 -13.72 -11.29
N PRO B 173 5.96 -14.69 -11.94
CA PRO B 173 6.30 -14.65 -13.37
C PRO B 173 5.30 -15.40 -14.24
N GLN B 174 5.10 -14.90 -15.46
CA GLN B 174 4.34 -15.61 -16.47
C GLN B 174 5.24 -15.83 -17.67
N ASP B 175 5.05 -16.95 -18.36
CA ASP B 175 5.79 -17.18 -19.59
C ASP B 175 5.29 -16.21 -20.65
N ASN B 176 6.10 -15.96 -21.67
CA ASN B 176 5.76 -15.05 -22.77
C ASN B 176 5.55 -13.60 -22.33
N GLN B 177 6.04 -13.27 -21.14
CA GLN B 177 5.79 -11.95 -20.57
C GLN B 177 6.82 -10.92 -21.01
N ARG B 178 6.34 -9.78 -21.51
CA ARG B 178 7.21 -8.66 -21.83
C ARG B 178 7.01 -7.58 -20.78
N LEU B 179 7.67 -7.76 -19.64
CA LEU B 179 7.41 -6.96 -18.44
C LEU B 179 7.78 -5.50 -18.61
N ALA B 180 8.93 -5.24 -19.21
CA ALA B 180 9.42 -3.88 -19.39
C ALA B 180 8.54 -3.09 -20.37
N ASP B 181 7.95 -3.80 -21.33
CA ASP B 181 7.07 -3.17 -22.32
C ASP B 181 5.82 -2.59 -21.67
N TYR B 182 5.41 -3.18 -20.54
CA TYR B 182 4.23 -2.73 -19.83
C TYR B 182 4.39 -1.31 -19.29
N ALA B 183 5.63 -0.94 -18.98
CA ALA B 183 5.93 0.38 -18.43
C ALA B 183 5.65 1.50 -19.42
N LYS B 184 5.59 1.16 -20.71
CA LYS B 184 5.33 2.14 -21.74
C LYS B 184 3.85 2.52 -21.81
N LEU B 185 3.02 1.77 -21.09
CA LEU B 185 1.58 2.01 -21.11
C LEU B 185 1.19 3.21 -20.26
N ASP B 186 -0.05 3.66 -20.40
CA ASP B 186 -0.51 4.87 -19.72
C ASP B 186 -1.24 4.56 -18.41
N PHE B 187 -0.47 4.28 -17.37
CA PHE B 187 -1.03 4.04 -16.05
C PHE B 187 -0.30 4.91 -15.03
N GLU B 188 -0.94 5.18 -13.90
CA GLU B 188 -0.32 5.97 -12.85
C GLU B 188 0.59 5.11 -12.00
N TYR B 189 0.14 3.91 -11.67
CA TYR B 189 0.92 2.99 -10.85
C TYR B 189 1.27 1.72 -11.62
N PHE B 190 2.51 1.28 -11.46
CA PHE B 190 2.97 0.03 -12.08
C PHE B 190 3.45 -0.93 -11.01
N LEU B 191 2.70 -2.01 -10.80
CA LEU B 191 3.03 -2.96 -9.74
C LEU B 191 3.25 -4.37 -10.27
N VAL B 192 4.15 -5.10 -9.62
CA VAL B 192 4.27 -6.53 -9.83
C VAL B 192 3.78 -7.28 -8.60
N GLN B 193 3.01 -8.34 -8.82
CA GLN B 193 2.47 -9.11 -7.72
C GLN B 193 2.92 -10.57 -7.83
N PRO B 194 3.55 -11.07 -6.75
CA PRO B 194 4.03 -12.46 -6.72
C PRO B 194 2.90 -13.45 -6.97
N MET B 195 3.12 -14.38 -7.90
CA MET B 195 2.13 -15.42 -8.17
C MET B 195 2.06 -16.38 -6.98
N ASP B 196 0.89 -16.46 -6.35
CA ASP B 196 0.70 -17.35 -5.22
C ASP B 196 0.55 -18.78 -5.71
N GLY B 197 1.02 -19.72 -4.90
CA GLY B 197 1.02 -21.12 -5.25
C GLY B 197 2.14 -21.82 -4.49
N PRO B 198 2.66 -22.92 -5.05
CA PRO B 198 3.74 -23.66 -4.39
C PRO B 198 5.08 -22.92 -4.46
N SER B 199 5.10 -21.76 -5.11
CA SER B 199 6.33 -20.99 -5.28
C SER B 199 6.13 -19.52 -4.91
N ARG B 200 5.26 -19.26 -3.94
CA ARG B 200 4.96 -17.88 -3.56
C ARG B 200 6.19 -17.14 -3.03
N ASP B 201 6.91 -17.76 -2.10
CA ASP B 201 8.10 -17.16 -1.53
C ASP B 201 9.17 -16.94 -2.59
N LEU B 202 9.27 -17.90 -3.52
CA LEU B 202 10.19 -17.80 -4.64
C LEU B 202 9.86 -16.60 -5.52
N ASN B 203 8.59 -16.48 -5.90
CA ASN B 203 8.13 -15.40 -6.76
C ASN B 203 8.20 -14.04 -6.07
N THR B 204 8.07 -14.04 -4.75
CA THR B 204 8.16 -12.81 -3.97
C THR B 204 9.57 -12.23 -4.05
N LYS B 205 10.56 -13.08 -3.86
CA LYS B 205 11.96 -12.70 -4.03
C LYS B 205 12.20 -12.10 -5.41
N LEU B 206 11.59 -12.71 -6.42
CA LEU B 206 11.69 -12.22 -7.80
C LEU B 206 11.12 -10.83 -7.95
N ALA B 207 9.91 -10.64 -7.44
CA ALA B 207 9.21 -9.37 -7.55
C ALA B 207 10.00 -8.26 -6.87
N ILE B 208 10.51 -8.54 -5.68
CA ILE B 208 11.32 -7.58 -4.94
C ILE B 208 12.59 -7.24 -5.72
N ASP B 209 13.25 -8.28 -6.24
CA ASP B 209 14.46 -8.10 -7.04
C ASP B 209 14.18 -7.26 -8.27
N TRP B 210 13.01 -7.47 -8.88
CA TRP B 210 12.62 -6.74 -10.08
C TRP B 210 12.46 -5.25 -9.81
N CYS B 211 11.72 -4.93 -8.76
CA CYS B 211 11.43 -3.54 -8.42
C CYS B 211 12.71 -2.77 -8.07
N LYS B 212 13.61 -3.43 -7.36
CA LYS B 212 14.86 -2.79 -6.98
C LYS B 212 15.73 -2.51 -8.20
N ARG B 213 15.67 -3.40 -9.19
CA ARG B 213 16.44 -3.20 -10.42
C ARG B 213 15.73 -2.24 -11.37
N HIS B 214 14.41 -2.19 -11.30
CA HIS B 214 13.62 -1.30 -12.14
C HIS B 214 12.62 -0.52 -11.29
N PRO B 215 13.11 0.53 -10.60
CA PRO B 215 12.39 1.27 -9.55
C PRO B 215 11.11 1.97 -10.00
N GLN B 216 10.76 1.90 -11.29
CA GLN B 216 9.47 2.40 -11.74
C GLN B 216 8.36 1.53 -11.17
N TRP B 217 8.67 0.25 -10.98
CA TRP B 217 7.70 -0.71 -10.46
C TRP B 217 7.67 -0.73 -8.95
N ARG B 218 6.48 -0.97 -8.40
CA ARG B 218 6.31 -1.16 -6.96
C ARG B 218 5.85 -2.58 -6.67
N LEU B 219 6.05 -3.02 -5.44
CA LEU B 219 5.62 -4.35 -5.04
C LEU B 219 4.16 -4.35 -4.60
N SER B 220 3.38 -5.27 -5.17
CA SER B 220 2.02 -5.51 -4.70
C SER B 220 1.97 -6.82 -3.93
N MET B 221 1.91 -6.71 -2.61
CA MET B 221 1.83 -7.88 -1.74
C MET B 221 0.37 -8.26 -1.50
N GLN B 222 0.09 -9.55 -1.43
CA GLN B 222 -1.25 -10.03 -1.08
C GLN B 222 -1.37 -10.13 0.44
N THR B 223 -1.47 -8.98 1.09
CA THR B 223 -1.40 -8.88 2.54
C THR B 223 -2.50 -9.65 3.26
N HIS B 224 -3.66 -9.78 2.62
CA HIS B 224 -4.80 -10.45 3.25
C HIS B 224 -4.53 -11.94 3.45
N LYS B 225 -3.61 -12.50 2.68
CA LYS B 225 -3.23 -13.90 2.83
C LYS B 225 -2.27 -14.08 3.99
N TYR B 226 -1.62 -12.99 4.39
CA TYR B 226 -0.72 -13.00 5.53
C TYR B 226 -1.46 -12.67 6.82
N LEU B 227 -2.43 -11.77 6.72
CA LEU B 227 -3.21 -11.34 7.87
C LEU B 227 -4.38 -12.29 8.15
N ASN B 228 -4.62 -13.19 7.21
CA ASN B 228 -5.74 -14.14 7.29
C ASN B 228 -7.08 -13.45 7.50
N ILE B 229 -7.38 -12.51 6.62
CA ILE B 229 -8.67 -11.83 6.61
C ILE B 229 -9.36 -12.06 5.27
N PRO B 230 -10.70 -12.05 5.27
CA PRO B 230 -11.52 -12.14 4.04
C PRO B 230 -11.01 -11.24 2.92
FE1 SF4 C . 9.60 6.98 19.10
FE2 SF4 C . 11.56 5.63 17.74
FE3 SF4 C . 10.10 7.58 16.48
FE4 SF4 C . 11.92 8.26 18.42
S1 SF4 C . 12.37 7.29 16.40
S2 SF4 C . 9.79 9.06 18.19
S3 SF4 C . 11.70 6.51 19.85
S4 SF4 C . 9.33 5.60 17.30
N SAM D . 11.04 8.98 14.88
CA SAM D . 10.10 9.12 13.76
C SAM D . 8.62 8.71 14.09
O SAM D . 8.36 8.38 15.27
OXT SAM D . 7.79 8.75 13.15
CB SAM D . 10.54 8.25 12.55
CG SAM D . 11.30 6.97 12.98
SD SAM D . 10.18 5.73 13.58
CE SAM D . 11.30 4.46 13.99
C5' SAM D . 9.51 5.11 12.04
C4' SAM D . 8.04 4.61 12.10
O4' SAM D . 7.96 3.35 12.80
C3' SAM D . 7.10 5.57 12.83
O3' SAM D . 5.88 5.71 12.09
C2' SAM D . 6.85 4.87 14.17
O2' SAM D . 5.58 5.20 14.73
C1' SAM D . 6.91 3.41 13.74
N9 SAM D . 7.19 2.48 14.83
C8 SAM D . 8.16 2.58 15.79
N7 SAM D . 8.16 1.60 16.66
C5 SAM D . 7.11 0.79 16.24
C6 SAM D . 6.58 -0.42 16.75
N6 SAM D . 7.04 -1.03 17.83
N1 SAM D . 5.53 -0.97 16.09
C2 SAM D . 5.06 -0.34 15.00
N3 SAM D . 5.47 0.79 14.44
C4 SAM D . 6.50 1.31 15.11
N1 HHS E . 10.69 -0.25 5.23
C2 HHS E . 11.59 -1.26 5.21
N2 HHS E . 11.56 -2.09 4.17
N3 HHS E . 12.54 -1.50 6.17
C4 HHS E . 12.70 -0.70 7.28
O4 HHS E . 13.56 -0.97 8.12
N5 HHS E . 11.90 1.34 8.34
C6A HHS E . 11.07 2.39 8.31
O6A HHS E . 11.88 3.06 10.38
O6B HHS E . 10.97 4.65 9.13
C6 HHS E . 11.29 3.46 9.35
C7 HHS E . 10.08 2.55 7.33
N8 HHS E . 9.94 1.66 6.34
C9 HHS E . 10.79 0.62 6.30
C10 HHS E . 11.77 0.46 7.34
FE1 SF4 F . -7.39 -15.39 -14.62
FE2 SF4 F . -8.96 -15.79 -12.41
FE3 SF4 F . -8.64 -13.26 -13.42
FE4 SF4 F . -10.10 -15.11 -14.80
S1 SF4 F . -10.59 -14.23 -12.76
S2 SF4 F . -8.52 -13.70 -15.65
S3 SF4 F . -8.95 -17.03 -14.33
S4 SF4 F . -7.02 -14.58 -12.51
N SAM G . -10.18 -11.87 -13.56
CA SAM G . -9.72 -10.51 -13.22
C SAM G . -8.16 -10.30 -13.32
O SAM G . -7.48 -11.26 -13.72
OXT SAM G . -7.72 -9.17 -12.99
CB SAM G . -10.12 -10.10 -11.77
CG SAM G . -10.20 -11.29 -10.79
SD SAM G . -8.58 -11.88 -10.37
CE SAM G . -8.99 -13.27 -9.40
C5' SAM G . -8.10 -10.71 -9.10
C4' SAM G . -6.59 -10.35 -9.05
O4' SAM G . -5.82 -11.43 -8.45
C3' SAM G . -5.95 -10.08 -10.42
O3' SAM G . -5.07 -8.96 -10.34
C2' SAM G . -5.18 -11.37 -10.69
O2' SAM G . -4.06 -11.16 -11.55
C1' SAM G . -4.72 -11.74 -9.29
N9 SAM G . -4.40 -13.15 -9.11
C8 SAM G . -5.10 -14.22 -9.59
N7 SAM G . -4.56 -15.38 -9.31
C5 SAM G . -3.41 -15.05 -8.60
C6 SAM G . -2.38 -15.82 -8.03
N6 SAM G . -2.35 -17.16 -8.08
N1 SAM G . -1.38 -15.17 -7.40
C2 SAM G . -1.41 -13.84 -7.35
N3 SAM G . -2.32 -13.00 -7.85
C4 SAM G . -3.30 -13.68 -8.47
N1 HHS H . -8.43 -8.20 -0.81
C2 HHS H . -8.87 -9.00 0.18
N2 HHS H . -8.74 -8.54 1.43
N3 HHS H . -9.48 -10.22 0.02
C4 HHS H . -9.73 -10.77 -1.20
O4 HHS H . -10.26 -11.88 -1.30
N5 HHS H . -9.58 -10.34 -3.60
C6A HHS H . -9.23 -9.51 -4.59
O6A HHS H . -9.87 -9.02 -6.86
O6B HHS H . -9.89 -11.12 -6.13
C6 HHS H . -9.68 -9.88 -5.97
C7 HHS H . -8.55 -8.30 -4.36
N8 HHS H . -8.27 -7.88 -3.12
C9 HHS H . -8.64 -8.67 -2.10
C10 HHS H . -9.30 -9.92 -2.35
#